data_3IUY
#
_entry.id   3IUY
#
_cell.length_a   56.442
_cell.length_b   61.251
_cell.length_c   65.787
_cell.angle_alpha   90.00
_cell.angle_beta   96.36
_cell.angle_gamma   90.00
#
_symmetry.space_group_name_H-M   'P 1 21 1'
#
loop_
_entity.id
_entity.type
_entity.pdbx_description
1 polymer 'Probable ATP-dependent RNA helicase DDX53'
2 non-polymer 'ADENOSINE MONOPHOSPHATE'
3 non-polymer 'CHLORIDE ION'
4 water water
#
_entity_poly.entity_id   1
_entity_poly.type   'polypeptide(L)'
_entity_poly.pdbx_seq_one_letter_code
;MTCDDLKSGEKRLIPKPTCRFKDAFQQYPDLLKSIIRVGILKPTPIQSQAWPIILQGIDLIVVAQTGTGKTLSYLMPGFI
HLDSQPISREQRNGPGMLVLTPTRELALHVEAECSKYSYKGLKSICIYGGRNRNGQIEDISKGVDIIIATPGRLNDLQMN
NSVNLRSITYLVIDEADKMLDMEFEPQIRKILLDVRPDRQTVMTSATWPDTVRQLALSYLKDPMIVYV
;
_entity_poly.pdbx_strand_id   A,B
#
# COMPACT_ATOMS: atom_id res chain seq x y z
N MET A 1 11.88 -18.87 -20.62
CA MET A 1 11.58 -18.29 -19.26
C MET A 1 12.75 -17.49 -18.63
N THR A 2 12.49 -16.22 -18.29
CA THR A 2 13.46 -15.36 -17.62
C THR A 2 13.02 -15.03 -16.20
N CYS A 3 13.97 -14.60 -15.39
CA CYS A 3 13.67 -14.21 -14.06
C CYS A 3 14.61 -13.08 -13.72
N ASP A 4 14.06 -12.04 -13.09
CA ASP A 4 14.82 -10.88 -12.70
C ASP A 4 14.39 -10.29 -11.36
N ASP A 5 15.33 -9.51 -10.76
CA ASP A 5 15.09 -8.68 -9.58
C ASP A 5 14.81 -7.24 -9.99
N LEU A 6 13.60 -6.76 -9.70
CA LEU A 6 13.19 -5.46 -10.19
C LEU A 6 13.29 -4.39 -9.09
N LYS A 7 13.83 -4.79 -7.95
CA LYS A 7 14.11 -3.87 -6.87
C LYS A 7 15.03 -2.77 -7.32
N SER A 8 14.80 -1.57 -6.80
CA SER A 8 15.77 -0.43 -6.92
C SER A 8 17.00 -0.73 -6.06
N GLY A 9 18.16 -0.30 -6.52
CA GLY A 9 19.39 -0.58 -5.78
C GLY A 9 19.94 -1.98 -6.01
N GLU A 10 20.67 -2.47 -5.02
CA GLU A 10 21.41 -3.74 -5.09
C GLU A 10 20.50 -4.93 -5.48
N LYS A 11 20.89 -5.66 -6.53
CA LYS A 11 20.11 -6.80 -7.01
C LYS A 11 20.36 -8.01 -6.15
N ARG A 12 19.32 -8.80 -5.91
CA ARG A 12 19.42 -9.99 -5.06
C ARG A 12 19.61 -11.21 -5.91
N LEU A 13 20.22 -12.24 -5.34
CA LEU A 13 20.37 -13.52 -6.03
C LEU A 13 18.99 -14.10 -6.27
N ILE A 14 18.81 -14.74 -7.42
CA ILE A 14 17.55 -15.39 -7.73
C ILE A 14 17.55 -16.82 -7.13
N PRO A 15 16.60 -17.12 -6.23
CA PRO A 15 16.49 -18.47 -5.64
C PRO A 15 16.56 -19.49 -6.73
N LYS A 16 17.16 -20.62 -6.45
CA LYS A 16 17.22 -21.71 -7.45
C LYS A 16 15.84 -22.32 -7.66
N PRO A 17 15.53 -22.68 -8.89
CA PRO A 17 14.29 -23.40 -9.16
C PRO A 17 14.14 -24.68 -8.32
N THR A 18 12.91 -25.01 -7.95
CA THR A 18 12.62 -26.25 -7.25
C THR A 18 11.85 -27.12 -8.23
N CYS A 19 12.56 -28.06 -8.85
CA CYS A 19 12.04 -28.83 -9.98
C CYS A 19 11.23 -30.07 -9.60
N ARG A 20 11.23 -30.41 -8.32
CA ARG A 20 10.40 -31.47 -7.77
C ARG A 20 9.53 -30.83 -6.68
N PHE A 21 8.31 -31.33 -6.52
CA PHE A 21 7.43 -30.86 -5.44
C PHE A 21 8.16 -30.89 -4.11
N LYS A 22 8.80 -32.05 -3.87
CA LYS A 22 9.61 -32.37 -2.70
C LYS A 22 10.61 -31.25 -2.38
N ASP A 23 11.23 -30.67 -3.41
CA ASP A 23 12.22 -29.62 -3.23
C ASP A 23 11.62 -28.32 -2.76
N ALA A 24 10.38 -28.05 -3.13
CA ALA A 24 9.73 -26.85 -2.69
C ALA A 24 9.08 -27.03 -1.31
N PHE A 25 8.49 -28.20 -1.07
CA PHE A 25 7.55 -28.34 0.02
C PHE A 25 7.87 -29.47 1.01
N GLN A 26 9.10 -30.02 0.99
CA GLN A 26 9.52 -31.11 1.92
C GLN A 26 9.25 -30.77 3.38
N GLN A 27 9.38 -29.48 3.69
CA GLN A 27 9.05 -28.90 4.98
C GLN A 27 7.54 -29.00 5.37
N TYR A 28 6.67 -29.28 4.42
CA TYR A 28 5.23 -29.26 4.65
C TYR A 28 4.54 -30.55 4.21
N PRO A 29 4.69 -31.60 5.00
CA PRO A 29 4.29 -32.96 4.58
C PRO A 29 2.82 -33.06 4.17
N ASP A 30 1.96 -32.22 4.75
CA ASP A 30 0.52 -32.27 4.46
C ASP A 30 0.14 -31.71 3.09
N LEU A 31 0.87 -30.68 2.68
CA LEU A 31 0.75 -30.13 1.36
C LEU A 31 1.28 -31.15 0.37
N LEU A 32 2.47 -31.72 0.64
CA LEU A 32 3.00 -32.79 -0.23
C LEU A 32 2.03 -33.95 -0.41
N LYS A 33 1.48 -34.46 0.69
CA LYS A 33 0.49 -35.55 0.65
C LYS A 33 -0.75 -35.18 -0.22
N SER A 34 -1.24 -33.96 -0.07
CA SER A 34 -2.29 -33.44 -0.93
C SER A 34 -1.89 -33.51 -2.44
N ILE A 35 -0.71 -33.01 -2.79
CA ILE A 35 -0.16 -33.16 -4.15
C ILE A 35 -0.03 -34.62 -4.63
N ILE A 36 0.50 -35.49 -3.76
CA ILE A 36 0.69 -36.90 -4.06
C ILE A 36 -0.63 -37.57 -4.35
N ARG A 37 -1.64 -37.21 -3.56
CA ARG A 37 -2.99 -37.80 -3.69
C ARG A 37 -3.63 -37.43 -5.04
N VAL A 38 -3.38 -36.20 -5.51
CA VAL A 38 -3.92 -35.74 -6.80
C VAL A 38 -3.23 -36.47 -7.96
N GLY A 39 -1.92 -36.70 -7.83
CA GLY A 39 -1.20 -37.59 -8.73
C GLY A 39 -0.56 -36.91 -9.91
N ILE A 40 -0.45 -35.59 -9.90
CA ILE A 40 0.35 -34.86 -10.93
C ILE A 40 1.86 -35.21 -10.82
N LEU A 41 2.59 -35.11 -11.92
CA LEU A 41 3.95 -35.66 -11.97
C LEU A 41 5.06 -34.73 -11.48
N LYS A 42 5.04 -33.49 -11.97
CA LYS A 42 6.13 -32.56 -11.71
C LYS A 42 5.63 -31.11 -11.83
N PRO A 43 6.29 -30.16 -11.13
CA PRO A 43 6.06 -28.73 -11.26
C PRO A 43 6.22 -28.26 -12.69
N THR A 44 5.41 -27.30 -13.10
CA THR A 44 5.61 -26.62 -14.40
C THR A 44 6.79 -25.67 -14.24
N PRO A 45 7.40 -25.24 -15.38
CA PRO A 45 8.56 -24.33 -15.26
C PRO A 45 8.30 -23.13 -14.34
N ILE A 46 7.15 -22.47 -14.50
CA ILE A 46 6.89 -21.28 -13.68
C ILE A 46 6.68 -21.61 -12.20
N GLN A 47 6.06 -22.73 -11.93
CA GLN A 47 5.97 -23.22 -10.56
C GLN A 47 7.35 -23.38 -9.96
N SER A 48 8.24 -24.01 -10.72
CA SER A 48 9.58 -24.35 -10.21
C SER A 48 10.36 -23.07 -9.88
N GLN A 49 10.03 -21.96 -10.56
CA GLN A 49 10.70 -20.66 -10.27
C GLN A 49 9.92 -19.75 -9.27
N ALA A 50 8.59 -19.76 -9.36
CA ALA A 50 7.73 -18.88 -8.59
C ALA A 50 7.73 -19.29 -7.12
N TRP A 51 7.64 -20.59 -6.88
CA TRP A 51 7.57 -21.11 -5.52
C TRP A 51 8.68 -20.66 -4.55
N PRO A 52 9.97 -20.88 -4.92
CA PRO A 52 11.02 -20.50 -3.99
C PRO A 52 11.08 -19.01 -3.69
N ILE A 53 10.71 -18.18 -4.67
CA ILE A 53 10.67 -16.73 -4.48
C ILE A 53 9.56 -16.34 -3.48
N ILE A 54 8.32 -16.84 -3.67
CA ILE A 54 7.20 -16.50 -2.79
C ILE A 54 7.44 -17.01 -1.35
N LEU A 55 7.93 -18.26 -1.25
CA LEU A 55 8.27 -18.87 0.05
C LEU A 55 9.31 -18.08 0.86
N GLN A 56 10.19 -17.35 0.18
CA GLN A 56 11.14 -16.47 0.85
C GLN A 56 10.55 -15.14 1.26
N GLY A 57 9.25 -14.93 0.98
CA GLY A 57 8.53 -13.69 1.37
C GLY A 57 8.74 -12.51 0.43
N ILE A 58 9.23 -12.79 -0.79
CA ILE A 58 9.44 -11.77 -1.80
C ILE A 58 8.20 -11.63 -2.69
N ASP A 59 7.78 -10.39 -2.95
CA ASP A 59 6.68 -10.10 -3.89
C ASP A 59 7.03 -10.53 -5.30
N LEU A 60 6.08 -11.05 -6.04
CA LEU A 60 6.42 -11.59 -7.33
C LEU A 60 5.43 -11.19 -8.40
N ILE A 61 5.98 -10.85 -9.57
CA ILE A 61 5.17 -10.70 -10.77
C ILE A 61 5.41 -11.93 -11.60
N VAL A 62 4.32 -12.61 -11.99
CA VAL A 62 4.36 -13.70 -12.97
C VAL A 62 3.66 -13.26 -14.28
N VAL A 63 4.41 -13.28 -15.39
CA VAL A 63 3.85 -12.98 -16.69
C VAL A 63 3.73 -14.28 -17.44
N ALA A 64 2.49 -14.70 -17.66
CA ALA A 64 2.20 -16.05 -18.18
C ALA A 64 0.73 -16.21 -18.56
N GLN A 65 0.49 -16.78 -19.73
CA GLN A 65 -0.90 -17.11 -20.11
C GLN A 65 -1.36 -18.46 -19.52
N THR A 66 -2.64 -18.76 -19.69
CA THR A 66 -3.23 -19.92 -19.06
C THR A 66 -2.69 -21.19 -19.72
N GLY A 67 -2.65 -22.29 -18.95
CA GLY A 67 -2.03 -23.55 -19.37
C GLY A 67 -0.60 -23.77 -18.87
N THR A 68 -0.03 -22.76 -18.20
CA THR A 68 1.35 -22.83 -17.72
C THR A 68 1.41 -23.25 -16.23
N GLY A 69 0.26 -23.39 -15.58
CA GLY A 69 0.26 -23.64 -14.15
C GLY A 69 0.43 -22.44 -13.21
N LYS A 70 0.07 -21.24 -13.68
CA LYS A 70 0.19 -20.02 -12.83
C LYS A 70 -0.64 -20.00 -11.55
N THR A 71 -1.80 -20.66 -11.56
CA THR A 71 -2.68 -20.69 -10.39
C THR A 71 -1.96 -21.34 -9.18
N LEU A 72 -1.54 -22.60 -9.33
CA LEU A 72 -0.80 -23.27 -8.25
C LEU A 72 0.50 -22.52 -7.89
N SER A 73 1.08 -21.77 -8.85
CA SER A 73 2.23 -20.92 -8.54
C SER A 73 1.98 -20.06 -7.31
N TYR A 74 0.77 -19.46 -7.20
CA TYR A 74 0.47 -18.56 -6.05
C TYR A 74 -0.39 -19.19 -4.97
N LEU A 75 -1.09 -20.27 -5.31
CA LEU A 75 -1.99 -20.91 -4.38
C LEU A 75 -1.23 -21.75 -3.32
N MET A 76 -0.31 -22.59 -3.75
CA MET A 76 0.43 -23.43 -2.80
C MET A 76 1.09 -22.60 -1.70
N PRO A 77 1.91 -21.61 -2.08
CA PRO A 77 2.58 -20.88 -1.03
C PRO A 77 1.63 -20.10 -0.17
N GLY A 78 0.45 -19.76 -0.72
CA GLY A 78 -0.60 -19.16 0.05
C GLY A 78 -1.13 -20.07 1.13
N PHE A 79 -1.29 -21.36 0.81
CA PHE A 79 -1.69 -22.35 1.84
C PHE A 79 -0.72 -22.39 3.02
N ILE A 80 0.58 -22.42 2.71
CA ILE A 80 1.65 -22.38 3.72
C ILE A 80 1.64 -21.09 4.56
N HIS A 81 1.38 -19.97 3.93
CA HIS A 81 1.32 -18.67 4.61
C HIS A 81 0.19 -18.58 5.65
N LEU A 82 -0.92 -19.32 5.40
CA LEU A 82 -2.08 -19.30 6.27
C LEU A 82 -1.82 -19.92 7.65
N ASP A 83 -1.17 -21.08 7.69
CA ASP A 83 -0.74 -21.74 8.97
C ASP A 83 0.79 -21.78 9.15
N ASN A 93 -10.41 -12.59 13.63
CA ASN A 93 -9.44 -12.89 12.56
C ASN A 93 -10.10 -13.70 11.43
N GLY A 94 -10.64 -12.97 10.44
CA GLY A 94 -11.22 -13.52 9.19
C GLY A 94 -10.21 -14.22 8.27
N PRO A 95 -10.42 -14.15 6.95
CA PRO A 95 -9.51 -14.74 5.98
C PRO A 95 -8.12 -14.14 6.03
N GLY A 96 -7.12 -14.95 5.76
CA GLY A 96 -5.73 -14.52 5.68
C GLY A 96 -5.22 -14.41 4.25
N MET A 97 -5.99 -14.93 3.29
CA MET A 97 -5.62 -14.96 1.87
C MET A 97 -6.74 -14.42 0.97
N LEU A 98 -6.37 -13.58 0.01
CA LEU A 98 -7.31 -12.99 -0.90
C LEU A 98 -6.75 -13.09 -2.33
N VAL A 99 -7.57 -13.61 -3.25
CA VAL A 99 -7.25 -13.72 -4.67
C VAL A 99 -8.29 -12.91 -5.44
N LEU A 100 -7.85 -11.88 -6.15
CA LEU A 100 -8.74 -11.02 -6.94
C LEU A 100 -8.68 -11.43 -8.40
N THR A 101 -9.85 -11.76 -8.96
CA THR A 101 -9.96 -12.25 -10.36
C THR A 101 -10.90 -11.31 -11.11
N PRO A 102 -10.62 -11.10 -12.42
CA PRO A 102 -11.44 -10.14 -13.19
C PRO A 102 -12.85 -10.63 -13.52
N THR A 103 -13.07 -11.95 -13.57
CA THR A 103 -14.34 -12.53 -14.05
C THR A 103 -14.82 -13.69 -13.16
N ARG A 104 -16.10 -13.98 -13.27
CA ARG A 104 -16.74 -15.12 -12.65
C ARG A 104 -16.08 -16.45 -13.08
N GLU A 105 -15.91 -16.66 -14.39
CA GLU A 105 -15.28 -17.89 -14.93
C GLU A 105 -13.89 -18.16 -14.31
N LEU A 106 -13.06 -17.12 -14.22
CA LEU A 106 -11.75 -17.28 -13.61
C LEU A 106 -11.83 -17.54 -12.09
N ALA A 107 -12.72 -16.83 -11.42
CA ALA A 107 -12.94 -17.05 -9.98
C ALA A 107 -13.30 -18.49 -9.69
N LEU A 108 -14.18 -19.05 -10.52
CA LEU A 108 -14.63 -20.45 -10.39
C LEU A 108 -13.51 -21.46 -10.65
N HIS A 109 -12.73 -21.20 -11.69
CA HIS A 109 -11.53 -21.94 -12.09
C HIS A 109 -10.54 -21.98 -10.87
N VAL A 110 -10.29 -20.82 -10.28
CA VAL A 110 -9.34 -20.71 -9.16
C VAL A 110 -9.89 -21.47 -7.94
N GLU A 111 -11.17 -21.31 -7.69
CA GLU A 111 -11.81 -21.93 -6.53
C GLU A 111 -11.77 -23.46 -6.65
N ALA A 112 -11.96 -23.95 -7.87
CA ALA A 112 -11.88 -25.40 -8.15
C ALA A 112 -10.49 -25.99 -7.87
N GLU A 113 -9.44 -25.27 -8.21
CA GLU A 113 -8.07 -25.73 -7.88
C GLU A 113 -7.78 -25.66 -6.40
N CYS A 114 -8.30 -24.63 -5.80
CA CYS A 114 -8.17 -24.42 -4.38
C CYS A 114 -8.73 -25.60 -3.60
N SER A 115 -9.97 -26.01 -3.89
CA SER A 115 -10.60 -27.09 -3.12
C SER A 115 -10.07 -28.49 -3.48
N LYS A 116 -9.56 -28.63 -4.70
CA LYS A 116 -8.87 -29.87 -5.12
C LYS A 116 -7.61 -30.15 -4.28
N TYR A 117 -6.85 -29.11 -3.93
CA TYR A 117 -5.55 -29.19 -3.26
C TYR A 117 -5.58 -28.77 -1.78
N SER A 118 -6.76 -28.47 -1.25
CA SER A 118 -6.90 -27.99 0.16
C SER A 118 -6.76 -29.10 1.18
N TYR A 119 -6.04 -28.79 2.24
CA TYR A 119 -5.74 -29.74 3.31
C TYR A 119 -5.76 -28.89 4.60
N LYS A 120 -5.46 -29.53 5.74
CA LYS A 120 -5.58 -28.92 7.11
C LYS A 120 -6.89 -28.15 7.38
N GLY A 121 -8.01 -28.63 6.82
CA GLY A 121 -9.30 -27.96 7.00
C GLY A 121 -9.37 -26.49 6.62
N LEU A 122 -8.57 -26.09 5.63
CA LEU A 122 -8.66 -24.78 5.00
C LEU A 122 -9.98 -24.61 4.26
N LYS A 123 -10.60 -23.46 4.46
CA LYS A 123 -11.90 -23.12 3.87
C LYS A 123 -11.80 -21.89 2.94
N SER A 124 -12.38 -22.02 1.75
CA SER A 124 -12.34 -20.96 0.79
C SER A 124 -13.76 -20.65 0.35
N ILE A 125 -13.97 -19.43 -0.09
CA ILE A 125 -15.24 -19.02 -0.65
C ILE A 125 -14.97 -18.30 -1.98
N CYS A 126 -15.85 -18.55 -2.95
CA CYS A 126 -15.80 -17.92 -4.25
C CYS A 126 -16.91 -16.85 -4.31
N ILE A 127 -16.53 -15.58 -4.43
CA ILE A 127 -17.48 -14.44 -4.35
C ILE A 127 -17.47 -13.70 -5.69
N TYR A 128 -18.64 -13.61 -6.32
CA TYR A 128 -18.78 -12.91 -7.63
C TYR A 128 -20.13 -12.26 -7.83
N GLY A 129 -20.20 -11.35 -8.79
CA GLY A 129 -21.38 -10.53 -9.09
C GLY A 129 -22.70 -11.04 -8.50
N GLN A 136 -23.80 -16.55 1.13
CA GLN A 136 -22.74 -15.68 0.64
C GLN A 136 -22.09 -14.94 1.81
N ILE A 137 -22.71 -13.81 2.22
CA ILE A 137 -22.34 -13.11 3.46
C ILE A 137 -22.43 -14.04 4.71
N GLU A 138 -23.38 -14.99 4.68
CA GLU A 138 -23.59 -15.97 5.77
C GLU A 138 -22.38 -16.90 5.97
N ASP A 139 -21.92 -17.53 4.86
CA ASP A 139 -20.67 -18.34 4.83
C ASP A 139 -19.42 -17.53 5.22
N ILE A 140 -19.32 -16.28 4.74
CA ILE A 140 -18.26 -15.36 5.17
C ILE A 140 -18.44 -14.95 6.65
N SER A 141 -19.69 -14.88 7.14
CA SER A 141 -19.91 -14.67 8.60
C SER A 141 -19.41 -15.86 9.47
N LYS A 142 -19.51 -17.09 8.97
CA LYS A 142 -18.76 -18.24 9.57
C LYS A 142 -17.27 -18.15 9.18
N GLY A 143 -16.45 -19.06 9.71
CA GLY A 143 -14.98 -19.04 9.41
C GLY A 143 -14.57 -19.32 7.95
N VAL A 144 -13.74 -18.43 7.40
CA VAL A 144 -13.23 -18.59 6.03
C VAL A 144 -11.74 -18.26 6.05
N ASP A 145 -10.92 -19.07 5.42
CA ASP A 145 -9.49 -18.75 5.31
C ASP A 145 -9.08 -18.01 4.04
N ILE A 146 -9.73 -18.32 2.94
CA ILE A 146 -9.38 -17.84 1.65
C ILE A 146 -10.60 -17.23 0.97
N ILE A 147 -10.46 -16.02 0.46
CA ILE A 147 -11.47 -15.46 -0.41
C ILE A 147 -11.00 -15.36 -1.86
N ILE A 148 -11.82 -15.83 -2.80
CA ILE A 148 -11.56 -15.69 -4.24
C ILE A 148 -12.68 -14.81 -4.81
N ALA A 149 -12.32 -13.65 -5.36
CA ALA A 149 -13.31 -12.63 -5.56
C ALA A 149 -13.09 -11.74 -6.80
N THR A 150 -14.17 -11.36 -7.45
CA THR A 150 -14.19 -10.26 -8.41
C THR A 150 -14.16 -8.92 -7.61
N PRO A 151 -13.54 -7.88 -8.19
CA PRO A 151 -13.39 -6.66 -7.43
C PRO A 151 -14.74 -5.99 -7.16
N GLY A 152 -15.64 -5.97 -8.15
CA GLY A 152 -16.96 -5.38 -8.02
C GLY A 152 -17.81 -5.88 -6.85
N ARG A 153 -18.04 -7.18 -6.80
CA ARG A 153 -18.84 -7.74 -5.70
C ARG A 153 -18.16 -7.56 -4.33
N LEU A 154 -16.84 -7.69 -4.28
CA LEU A 154 -16.11 -7.63 -3.00
C LEU A 154 -16.14 -6.21 -2.42
N ASN A 155 -15.94 -5.22 -3.30
CA ASN A 155 -16.11 -3.81 -2.94
C ASN A 155 -17.47 -3.50 -2.35
N ASP A 156 -18.55 -3.97 -3.00
CA ASP A 156 -19.90 -3.78 -2.50
C ASP A 156 -20.12 -4.45 -1.14
N LEU A 157 -19.45 -5.60 -0.90
CA LEU A 157 -19.54 -6.27 0.38
C LEU A 157 -18.87 -5.49 1.53
N GLN A 158 -17.66 -4.96 1.29
CA GLN A 158 -16.98 -4.17 2.34
C GLN A 158 -17.79 -2.91 2.67
N MET A 159 -18.31 -2.25 1.64
N MET A 159 -18.35 -2.26 1.65
CA MET A 159 -19.14 -1.07 1.82
CA MET A 159 -19.15 -1.05 1.84
C MET A 159 -20.35 -1.41 2.68
C MET A 159 -20.57 -1.35 2.32
N ASN A 160 -20.87 -2.63 2.52
CA ASN A 160 -22.07 -3.08 3.21
C ASN A 160 -21.76 -3.74 4.54
N ASN A 161 -20.49 -3.67 4.95
CA ASN A 161 -20.00 -4.25 6.20
C ASN A 161 -20.20 -5.78 6.27
N SER A 162 -20.05 -6.49 5.14
CA SER A 162 -20.29 -7.92 5.14
C SER A 162 -19.03 -8.79 5.29
N VAL A 163 -17.86 -8.16 5.09
CA VAL A 163 -16.59 -8.91 5.00
C VAL A 163 -15.47 -8.20 5.74
N ASN A 164 -14.71 -8.94 6.55
CA ASN A 164 -13.52 -8.36 7.20
C ASN A 164 -12.26 -8.73 6.43
N LEU A 165 -11.55 -7.72 5.94
CA LEU A 165 -10.33 -7.89 5.15
C LEU A 165 -9.06 -7.60 5.93
N ARG A 166 -9.22 -7.17 7.18
CA ARG A 166 -8.09 -6.71 7.98
C ARG A 166 -7.09 -7.78 8.39
N SER A 167 -7.47 -9.06 8.27
CA SER A 167 -6.53 -10.17 8.53
C SER A 167 -5.74 -10.69 7.28
N ILE A 168 -5.97 -10.10 6.09
CA ILE A 168 -5.35 -10.56 4.85
C ILE A 168 -3.90 -10.17 4.85
N THR A 169 -3.00 -11.16 4.85
CA THR A 169 -1.54 -10.93 4.74
C THR A 169 -0.95 -11.55 3.46
N TYR A 170 -1.77 -12.27 2.71
CA TYR A 170 -1.34 -12.84 1.44
C TYR A 170 -2.36 -12.41 0.38
N LEU A 171 -1.95 -11.55 -0.52
CA LEU A 171 -2.82 -11.07 -1.59
C LEU A 171 -2.35 -11.46 -3.00
N VAL A 172 -3.28 -11.96 -3.80
CA VAL A 172 -3.00 -12.26 -5.22
C VAL A 172 -3.91 -11.39 -6.10
N ILE A 173 -3.33 -10.69 -7.05
CA ILE A 173 -4.10 -9.98 -8.09
C ILE A 173 -3.90 -10.69 -9.43
N ASP A 174 -4.91 -11.44 -9.85
CA ASP A 174 -4.83 -12.32 -10.99
C ASP A 174 -5.22 -11.59 -12.29
N GLU A 175 -4.40 -11.77 -13.34
CA GLU A 175 -4.66 -11.24 -14.67
C GLU A 175 -4.79 -9.72 -14.72
N ALA A 176 -3.75 -9.01 -14.32
CA ALA A 176 -3.85 -7.56 -14.05
C ALA A 176 -4.07 -6.75 -15.34
N ASP A 177 -3.62 -7.29 -16.46
CA ASP A 177 -3.91 -6.65 -17.76
C ASP A 177 -5.42 -6.63 -18.04
N LYS A 178 -6.09 -7.75 -17.77
CA LYS A 178 -7.55 -7.83 -17.86
C LYS A 178 -8.23 -6.90 -16.85
N MET A 179 -7.71 -6.85 -15.64
CA MET A 179 -8.19 -5.90 -14.60
C MET A 179 -8.16 -4.43 -15.09
N LEU A 180 -7.07 -4.09 -15.79
CA LEU A 180 -6.90 -2.80 -16.46
C LEU A 180 -7.90 -2.56 -17.61
N ASP A 181 -7.97 -3.47 -18.58
CA ASP A 181 -8.97 -3.40 -19.64
C ASP A 181 -10.38 -3.15 -19.09
N MET A 182 -10.66 -3.70 -17.91
CA MET A 182 -11.99 -3.67 -17.35
C MET A 182 -12.16 -2.46 -16.41
N GLU A 183 -11.06 -1.72 -16.25
CA GLU A 183 -11.08 -0.49 -15.48
C GLU A 183 -11.45 -0.75 -14.01
N PHE A 184 -10.90 -1.82 -13.44
CA PHE A 184 -11.17 -2.19 -12.08
C PHE A 184 -10.23 -1.56 -11.04
N GLU A 185 -9.28 -0.76 -11.49
CA GLU A 185 -8.35 -0.06 -10.58
C GLU A 185 -8.96 0.67 -9.37
N PRO A 186 -10.05 1.47 -9.57
CA PRO A 186 -10.71 2.11 -8.43
C PRO A 186 -11.21 1.12 -7.38
N GLN A 187 -11.89 0.05 -7.79
CA GLN A 187 -12.35 -0.95 -6.82
C GLN A 187 -11.18 -1.67 -6.16
N ILE A 188 -10.16 -2.00 -6.94
CA ILE A 188 -9.01 -2.72 -6.37
C ILE A 188 -8.31 -1.87 -5.31
N ARG A 189 -8.03 -0.62 -5.67
CA ARG A 189 -7.39 0.30 -4.75
C ARG A 189 -8.13 0.37 -3.39
N LYS A 190 -9.45 0.33 -3.45
CA LYS A 190 -10.29 0.48 -2.27
C LYS A 190 -10.28 -0.80 -1.43
N ILE A 191 -10.18 -1.95 -2.09
CA ILE A 191 -10.08 -3.21 -1.39
C ILE A 191 -8.74 -3.32 -0.68
N LEU A 192 -7.66 -2.98 -1.38
CA LEU A 192 -6.32 -3.06 -0.78
C LEU A 192 -6.08 -2.13 0.41
N LEU A 193 -6.91 -1.11 0.55
CA LEU A 193 -6.82 -0.18 1.65
C LEU A 193 -7.14 -0.88 2.97
N ASP A 194 -8.11 -1.79 2.98
CA ASP A 194 -8.49 -2.56 4.21
C ASP A 194 -7.54 -3.72 4.46
N VAL A 195 -6.77 -4.08 3.44
CA VAL A 195 -5.74 -5.10 3.58
C VAL A 195 -4.55 -4.45 4.28
N ARG A 196 -3.84 -5.19 5.10
CA ARG A 196 -2.76 -4.55 5.85
C ARG A 196 -1.51 -4.37 5.04
N PRO A 197 -0.75 -3.27 5.30
CA PRO A 197 0.41 -2.89 4.47
C PRO A 197 1.61 -3.87 4.52
N ASP A 198 1.73 -4.61 5.61
CA ASP A 198 2.84 -5.56 5.78
C ASP A 198 2.35 -6.91 5.29
N ARG A 199 2.25 -7.05 3.99
CA ARG A 199 1.62 -8.21 3.38
C ARG A 199 2.50 -8.76 2.28
N GLN A 200 2.23 -9.99 1.87
CA GLN A 200 2.87 -10.50 0.67
C GLN A 200 1.88 -10.40 -0.51
N THR A 201 2.43 -10.04 -1.67
CA THR A 201 1.63 -9.80 -2.85
C THR A 201 2.18 -10.49 -4.08
N VAL A 202 1.33 -11.28 -4.73
CA VAL A 202 1.66 -11.85 -6.06
C VAL A 202 0.72 -11.28 -7.09
N MET A 203 1.27 -10.94 -8.23
CA MET A 203 0.45 -10.45 -9.35
C MET A 203 0.71 -11.29 -10.61
N THR A 204 -0.35 -11.66 -11.33
CA THR A 204 -0.20 -12.33 -12.63
C THR A 204 -0.73 -11.43 -13.71
N SER A 205 -0.30 -11.72 -14.94
CA SER A 205 -0.67 -10.95 -16.11
C SER A 205 -0.20 -11.70 -17.35
N ALA A 206 -1.01 -11.70 -18.40
CA ALA A 206 -0.61 -12.37 -19.66
C ALA A 206 0.42 -11.54 -20.45
N THR A 207 0.50 -10.26 -20.13
CA THR A 207 1.33 -9.31 -20.85
C THR A 207 2.00 -8.30 -19.86
N TRP A 208 2.99 -7.56 -20.36
CA TRP A 208 3.82 -6.71 -19.52
C TRP A 208 4.09 -5.33 -20.18
N PRO A 209 3.02 -4.66 -20.70
CA PRO A 209 3.24 -3.31 -21.23
C PRO A 209 3.37 -2.28 -20.09
N ASP A 210 3.80 -1.06 -20.43
CA ASP A 210 4.12 -0.03 -19.41
C ASP A 210 3.00 0.28 -18.41
N THR A 211 1.75 0.22 -18.88
CA THR A 211 0.59 0.52 -18.01
C THR A 211 0.43 -0.55 -16.93
N VAL A 212 0.69 -1.81 -17.26
CA VAL A 212 0.63 -2.90 -16.32
C VAL A 212 1.82 -2.87 -15.38
N ARG A 213 3.01 -2.51 -15.90
CA ARG A 213 4.20 -2.26 -15.07
C ARG A 213 3.96 -1.21 -14.00
N GLN A 214 3.37 -0.09 -14.37
CA GLN A 214 3.05 0.97 -13.40
C GLN A 214 2.04 0.50 -12.35
N LEU A 215 0.94 -0.10 -12.82
CA LEU A 215 -0.02 -0.67 -11.89
C LEU A 215 0.64 -1.61 -10.89
N ALA A 216 1.46 -2.54 -11.43
CA ALA A 216 2.15 -3.55 -10.63
C ALA A 216 2.87 -2.92 -9.45
N LEU A 217 3.75 -1.98 -9.74
CA LEU A 217 4.52 -1.33 -8.70
C LEU A 217 3.65 -0.55 -7.70
N SER A 218 2.38 -0.33 -8.04
CA SER A 218 1.50 0.34 -7.09
C SER A 218 0.96 -0.68 -6.09
N TYR A 219 1.18 -1.97 -6.39
CA TYR A 219 0.78 -3.07 -5.50
C TYR A 219 1.91 -3.76 -4.79
N LEU A 220 3.09 -3.78 -5.42
CA LEU A 220 4.23 -4.56 -4.93
C LEU A 220 5.37 -3.70 -4.36
N LYS A 221 6.10 -4.26 -3.40
CA LYS A 221 7.35 -3.69 -2.88
C LYS A 221 8.47 -4.64 -3.26
N ASP A 222 9.59 -4.07 -3.71
CA ASP A 222 10.81 -4.80 -4.03
C ASP A 222 10.54 -6.15 -4.71
N PRO A 223 9.86 -6.14 -5.86
CA PRO A 223 9.39 -7.39 -6.47
C PRO A 223 10.41 -8.03 -7.40
N MET A 224 10.29 -9.34 -7.57
CA MET A 224 10.95 -10.09 -8.63
C MET A 224 9.94 -10.40 -9.69
N ILE A 225 10.40 -10.87 -10.87
CA ILE A 225 9.53 -11.22 -11.98
C ILE A 225 9.92 -12.57 -12.56
N VAL A 226 8.89 -13.36 -12.93
CA VAL A 226 9.06 -14.57 -13.73
C VAL A 226 8.25 -14.44 -15.01
N TYR A 227 8.91 -14.63 -16.15
CA TYR A 227 8.35 -14.22 -17.44
C TYR A 227 8.55 -15.38 -18.42
N VAL A 228 7.48 -16.13 -18.69
CA VAL A 228 7.55 -17.36 -19.51
C VAL A 228 8.03 -17.05 -20.92
N MET B 1 -12.47 22.82 17.58
CA MET B 1 -11.62 21.76 16.94
C MET B 1 -12.15 20.36 17.26
N THR B 2 -12.48 19.59 16.21
CA THR B 2 -13.04 18.26 16.37
C THR B 2 -12.15 17.18 15.76
N CYS B 3 -12.21 15.98 16.35
CA CYS B 3 -11.42 14.86 15.89
C CYS B 3 -12.23 13.54 15.91
N ASP B 4 -12.31 12.85 14.75
CA ASP B 4 -13.05 11.59 14.66
C ASP B 4 -12.19 10.48 14.08
N ASP B 5 -12.59 9.22 14.32
CA ASP B 5 -12.02 8.05 13.66
C ASP B 5 -12.90 7.59 12.49
N LEU B 6 -12.35 7.59 11.26
CA LEU B 6 -13.12 7.31 10.04
C LEU B 6 -12.93 5.89 9.52
N LYS B 7 -12.02 5.17 10.15
CA LYS B 7 -11.78 3.75 9.93
C LYS B 7 -13.07 2.88 9.95
N SER B 8 -13.10 1.88 9.09
CA SER B 8 -14.23 0.96 9.07
C SER B 8 -14.12 -0.05 10.21
N GLY B 9 -15.26 -0.57 10.68
CA GLY B 9 -15.27 -1.46 11.83
C GLY B 9 -14.95 -0.70 13.12
N GLU B 10 -14.14 -1.30 13.96
CA GLU B 10 -13.92 -0.89 15.33
C GLU B 10 -13.24 0.51 15.43
N LYS B 11 -13.84 1.40 16.21
CA LYS B 11 -13.32 2.75 16.38
C LYS B 11 -12.29 2.75 17.50
N ARG B 12 -11.18 3.47 17.28
CA ARG B 12 -10.11 3.65 18.27
C ARG B 12 -10.31 4.92 19.08
N LEU B 13 -9.81 4.93 20.32
CA LEU B 13 -9.79 6.15 21.15
C LEU B 13 -8.92 7.19 20.43
N ILE B 14 -9.41 8.42 20.41
CA ILE B 14 -8.69 9.54 19.85
C ILE B 14 -7.52 9.83 20.78
N PRO B 15 -6.27 9.66 20.28
CA PRO B 15 -5.04 9.90 21.06
C PRO B 15 -5.08 11.26 21.72
N LYS B 16 -4.47 11.36 22.90
CA LYS B 16 -4.58 12.59 23.73
C LYS B 16 -3.79 13.75 23.13
N PRO B 17 -4.40 14.94 23.04
CA PRO B 17 -3.65 16.11 22.51
C PRO B 17 -2.40 16.40 23.33
N THR B 18 -1.28 16.63 22.66
CA THR B 18 -0.01 16.94 23.31
C THR B 18 0.14 18.46 23.28
N CYS B 19 -0.27 19.13 24.36
CA CYS B 19 -0.36 20.61 24.40
C CYS B 19 0.96 21.34 24.72
N ARG B 20 2.01 20.58 24.99
CA ARG B 20 3.36 21.12 25.09
C ARG B 20 4.35 20.24 24.30
N PHE B 21 5.40 20.85 23.72
CA PHE B 21 6.41 20.11 22.95
C PHE B 21 6.99 19.01 23.78
N LYS B 22 7.09 19.25 25.10
CA LYS B 22 7.61 18.27 26.08
C LYS B 22 6.86 16.93 25.88
N ASP B 23 5.51 17.01 25.90
CA ASP B 23 4.59 15.86 25.79
C ASP B 23 4.67 15.11 24.47
N ALA B 24 4.82 15.85 23.37
CA ALA B 24 4.82 15.24 22.02
C ALA B 24 6.16 14.65 21.63
N PHE B 25 7.26 15.33 21.98
CA PHE B 25 8.59 15.00 21.45
C PHE B 25 9.64 14.65 22.50
N GLN B 26 9.21 14.47 23.76
CA GLN B 26 10.08 13.87 24.80
C GLN B 26 10.88 12.62 24.28
N GLN B 27 10.22 11.73 23.51
CA GLN B 27 10.87 10.57 22.89
C GLN B 27 11.99 10.86 21.88
N TYR B 28 12.15 12.14 21.50
CA TYR B 28 13.10 12.54 20.44
C TYR B 28 13.77 13.85 20.79
N PRO B 29 14.93 13.78 21.51
CA PRO B 29 15.64 14.97 22.01
C PRO B 29 16.29 15.77 20.88
N ASP B 30 16.61 15.06 19.79
CA ASP B 30 17.11 15.69 18.57
C ASP B 30 16.16 16.81 18.03
N LEU B 31 14.85 16.53 18.00
CA LEU B 31 13.82 17.48 17.57
C LEU B 31 13.51 18.59 18.59
N LEU B 32 13.39 18.22 19.87
CA LEU B 32 13.29 19.21 20.94
C LEU B 32 14.44 20.23 20.93
N LYS B 33 15.66 19.80 20.65
CA LYS B 33 16.81 20.71 20.59
C LYS B 33 16.64 21.67 19.42
N SER B 34 15.91 21.23 18.40
CA SER B 34 15.71 22.03 17.20
C SER B 34 14.60 23.07 17.39
N ILE B 35 13.48 22.64 17.97
CA ILE B 35 12.34 23.51 18.28
C ILE B 35 12.80 24.64 19.20
N ILE B 36 13.33 24.25 20.38
CA ILE B 36 13.84 25.19 21.40
C ILE B 36 14.86 26.18 20.79
N ARG B 37 15.76 25.68 19.94
CA ARG B 37 16.65 26.56 19.18
C ARG B 37 15.86 27.66 18.47
N VAL B 38 14.81 27.30 17.75
CA VAL B 38 13.98 28.27 16.96
C VAL B 38 13.17 29.23 17.88
N GLY B 39 12.78 28.74 19.04
CA GLY B 39 12.20 29.61 20.08
C GLY B 39 10.69 29.76 20.12
N ILE B 40 9.94 28.91 19.40
CA ILE B 40 8.48 28.83 19.58
C ILE B 40 8.15 28.28 20.98
N LEU B 41 7.03 28.70 21.54
CA LEU B 41 6.69 28.35 22.92
C LEU B 41 5.72 27.17 23.03
N LYS B 42 4.64 27.21 22.25
CA LYS B 42 3.49 26.36 22.49
C LYS B 42 2.97 25.78 21.14
N PRO B 43 2.62 24.47 21.10
CA PRO B 43 1.93 23.83 19.95
C PRO B 43 0.60 24.48 19.64
N THR B 44 0.31 24.71 18.36
CA THR B 44 -1.01 25.19 17.97
C THR B 44 -2.08 24.10 18.25
N PRO B 45 -3.37 24.48 18.35
CA PRO B 45 -4.45 23.45 18.47
C PRO B 45 -4.27 22.23 17.53
N ILE B 46 -4.24 22.45 16.22
CA ILE B 46 -4.06 21.29 15.32
C ILE B 46 -2.77 20.49 15.55
N GLN B 47 -1.66 21.18 15.79
CA GLN B 47 -0.41 20.47 16.08
C GLN B 47 -0.53 19.59 17.31
N SER B 48 -1.28 20.08 18.30
CA SER B 48 -1.47 19.33 19.51
C SER B 48 -2.26 18.03 19.27
N GLN B 49 -3.18 18.05 18.33
CA GLN B 49 -3.97 16.85 18.03
C GLN B 49 -3.36 15.95 16.96
N ALA B 50 -2.78 16.56 15.92
CA ALA B 50 -2.21 15.88 14.76
C ALA B 50 -0.97 15.08 15.08
N TRP B 51 -0.06 15.69 15.85
CA TRP B 51 1.22 15.03 16.18
C TRP B 51 1.05 13.63 16.83
N PRO B 52 0.33 13.53 17.97
CA PRO B 52 0.22 12.16 18.59
C PRO B 52 -0.46 11.13 17.66
N ILE B 53 -1.41 11.56 16.82
CA ILE B 53 -2.01 10.68 15.80
C ILE B 53 -0.95 10.16 14.81
N ILE B 54 -0.24 11.06 14.15
CA ILE B 54 0.73 10.73 13.12
C ILE B 54 1.92 9.94 13.66
N LEU B 55 2.42 10.32 14.84
CA LEU B 55 3.48 9.58 15.52
C LEU B 55 3.07 8.14 15.86
N GLN B 56 1.76 7.86 15.91
CA GLN B 56 1.28 6.49 16.12
C GLN B 56 1.24 5.68 14.83
N GLY B 57 1.61 6.30 13.70
CA GLY B 57 1.58 5.62 12.38
C GLY B 57 0.21 5.60 11.71
N ILE B 58 -0.67 6.53 12.11
CA ILE B 58 -2.05 6.57 11.61
C ILE B 58 -2.20 7.68 10.54
N ASP B 59 -2.84 7.35 9.41
CA ASP B 59 -3.08 8.30 8.36
C ASP B 59 -3.99 9.43 8.85
N LEU B 60 -3.79 10.66 8.36
CA LEU B 60 -4.54 11.81 8.90
C LEU B 60 -5.01 12.83 7.89
N ILE B 61 -6.29 13.13 7.92
CA ILE B 61 -6.85 14.29 7.19
C ILE B 61 -6.92 15.49 8.15
N VAL B 62 -6.32 16.59 7.73
CA VAL B 62 -6.33 17.81 8.51
C VAL B 62 -7.14 18.88 7.74
N VAL B 63 -8.23 19.34 8.31
CA VAL B 63 -9.05 20.41 7.71
C VAL B 63 -8.80 21.75 8.43
N ALA B 64 -8.02 22.60 7.75
CA ALA B 64 -7.40 23.80 8.34
C ALA B 64 -6.79 24.64 7.24
N GLN B 65 -6.67 25.94 7.52
CA GLN B 65 -6.04 26.89 6.60
C GLN B 65 -4.76 27.40 7.22
N THR B 66 -3.87 27.92 6.37
CA THR B 66 -2.66 28.61 6.82
C THR B 66 -2.96 29.57 7.99
N GLY B 67 -2.05 29.64 8.94
CA GLY B 67 -2.31 30.34 10.19
C GLY B 67 -2.54 29.40 11.36
N THR B 68 -2.85 28.14 11.04
CA THR B 68 -3.10 27.13 12.05
C THR B 68 -1.88 26.30 12.43
N GLY B 69 -0.76 26.47 11.70
CA GLY B 69 0.44 25.68 11.94
C GLY B 69 0.35 24.25 11.36
N LYS B 70 -0.46 24.09 10.30
CA LYS B 70 -0.65 22.80 9.62
C LYS B 70 0.65 22.24 8.96
N THR B 71 1.55 23.11 8.51
CA THR B 71 2.81 22.65 7.92
C THR B 71 3.66 21.84 8.93
N LEU B 72 3.90 22.40 10.09
CA LEU B 72 4.63 21.65 11.14
C LEU B 72 3.88 20.45 11.66
N SER B 73 2.54 20.47 11.51
CA SER B 73 1.80 19.34 12.02
C SER B 73 2.16 18.07 11.25
N TYR B 74 2.54 18.21 9.96
CA TYR B 74 3.01 17.05 9.18
C TYR B 74 4.53 16.94 9.03
N LEU B 75 5.24 18.08 9.04
CA LEU B 75 6.70 18.06 8.84
C LEU B 75 7.44 17.46 10.01
N MET B 76 7.07 17.83 11.26
CA MET B 76 7.85 17.31 12.41
C MET B 76 7.84 15.78 12.61
N PRO B 77 6.65 15.14 12.56
CA PRO B 77 6.63 13.67 12.54
C PRO B 77 7.24 13.04 11.28
N GLY B 78 7.28 13.82 10.18
CA GLY B 78 8.01 13.39 8.98
C GLY B 78 9.51 13.24 9.24
N PHE B 79 10.10 14.20 9.95
CA PHE B 79 11.54 14.16 10.28
C PHE B 79 11.86 12.88 11.08
N ILE B 80 11.05 12.63 12.10
CA ILE B 80 11.22 11.50 12.97
C ILE B 80 11.07 10.21 12.16
N HIS B 81 10.02 10.13 11.37
CA HIS B 81 9.82 8.97 10.51
C HIS B 81 11.09 8.61 9.67
N LEU B 82 11.83 9.64 9.25
CA LEU B 82 13.01 9.43 8.43
C LEU B 82 14.20 8.98 9.26
N ASP B 83 14.28 9.49 10.47
CA ASP B 83 15.38 9.18 11.41
C ASP B 83 15.09 7.93 12.23
N SER B 84 14.27 7.02 11.70
CA SER B 84 13.90 5.78 12.39
C SER B 84 13.31 4.78 11.42
N ASN B 93 18.56 3.47 -3.38
CA ASN B 93 17.28 4.04 -2.91
C ASN B 93 17.13 5.53 -3.32
N GLY B 94 16.25 6.24 -2.60
CA GLY B 94 15.96 7.65 -2.84
C GLY B 94 15.47 8.37 -1.60
N PRO B 95 14.80 9.53 -1.78
CA PRO B 95 14.10 10.24 -0.68
C PRO B 95 13.00 9.39 0.04
N GLY B 96 12.86 9.58 1.34
CA GLY B 96 11.87 8.89 2.14
C GLY B 96 10.58 9.68 2.34
N MET B 97 10.56 10.93 1.94
CA MET B 97 9.42 11.80 2.22
C MET B 97 9.08 12.67 1.01
N LEU B 98 7.79 12.72 0.72
CA LEU B 98 7.25 13.55 -0.36
C LEU B 98 6.06 14.41 0.11
N VAL B 99 6.19 15.72 -0.10
CA VAL B 99 5.17 16.70 0.19
C VAL B 99 4.74 17.28 -1.17
N LEU B 100 3.51 16.98 -1.58
CA LEU B 100 2.88 17.58 -2.75
C LEU B 100 2.14 18.91 -2.41
N THR B 101 2.45 19.96 -3.16
CA THR B 101 1.80 21.28 -3.04
C THR B 101 1.22 21.77 -4.38
N PRO B 102 0.15 22.61 -4.33
CA PRO B 102 -0.49 22.95 -5.57
C PRO B 102 0.25 24.03 -6.36
N THR B 103 1.10 24.78 -5.66
CA THR B 103 1.67 26.00 -6.19
C THR B 103 3.15 26.10 -5.84
N ARG B 104 3.88 26.90 -6.61
CA ARG B 104 5.25 27.29 -6.25
C ARG B 104 5.30 27.98 -4.90
N GLU B 105 4.37 28.92 -4.68
CA GLU B 105 4.31 29.70 -3.44
C GLU B 105 4.22 28.84 -2.16
N LEU B 106 3.36 27.83 -2.12
CA LEU B 106 3.24 26.96 -0.96
C LEU B 106 4.48 26.05 -0.87
N ALA B 107 5.00 25.60 -2.01
CA ALA B 107 6.22 24.79 -2.07
C ALA B 107 7.41 25.50 -1.42
N LEU B 108 7.64 26.76 -1.75
CA LEU B 108 8.69 27.58 -1.10
C LEU B 108 8.45 27.80 0.40
N HIS B 109 7.22 28.16 0.75
CA HIS B 109 6.82 28.29 2.14
C HIS B 109 7.14 27.00 2.95
N VAL B 110 6.74 25.83 2.45
CA VAL B 110 7.07 24.56 3.09
C VAL B 110 8.58 24.35 3.26
N GLU B 111 9.33 24.71 2.21
CA GLU B 111 10.79 24.53 2.21
C GLU B 111 11.46 25.41 3.26
N ALA B 112 10.98 26.64 3.37
CA ALA B 112 11.41 27.59 4.36
C ALA B 112 11.20 27.01 5.72
N GLU B 113 10.01 26.48 5.96
CA GLU B 113 9.62 25.93 7.27
C GLU B 113 10.45 24.70 7.60
N CYS B 114 10.72 23.94 6.56
CA CYS B 114 11.46 22.69 6.62
C CYS B 114 12.94 22.89 6.97
N SER B 115 13.60 23.86 6.37
CA SER B 115 15.01 24.11 6.67
C SER B 115 15.16 24.98 7.91
N LYS B 116 14.09 25.65 8.32
CA LYS B 116 14.03 26.30 9.64
C LYS B 116 14.13 25.28 10.80
N TYR B 117 13.48 24.12 10.66
CA TYR B 117 13.38 23.13 11.75
C TYR B 117 14.16 21.82 11.57
N SER B 118 14.59 21.52 10.34
CA SER B 118 15.24 20.22 10.03
C SER B 118 16.52 20.06 10.86
N TYR B 119 16.98 18.81 10.98
CA TYR B 119 18.16 18.48 11.80
C TYR B 119 18.74 17.17 11.33
N LYS B 120 19.81 16.74 12.02
CA LYS B 120 20.51 15.49 11.71
C LYS B 120 20.96 15.48 10.25
N GLY B 121 21.19 16.67 9.69
CA GLY B 121 21.62 16.82 8.30
C GLY B 121 20.61 16.30 7.30
N LEU B 122 19.33 16.47 7.64
CA LEU B 122 18.21 16.00 6.81
C LEU B 122 18.06 16.95 5.64
N LYS B 123 18.08 16.42 4.42
CA LYS B 123 18.27 17.18 3.18
C LYS B 123 16.97 17.28 2.34
N SER B 124 16.58 18.51 2.03
CA SER B 124 15.35 18.78 1.27
C SER B 124 15.62 19.59 -0.02
N ILE B 125 14.82 19.33 -1.05
CA ILE B 125 14.82 20.15 -2.28
C ILE B 125 13.40 20.56 -2.65
N CYS B 126 13.28 21.74 -3.25
CA CYS B 126 12.02 22.31 -3.66
C CYS B 126 11.90 22.19 -5.18
N ILE B 127 10.91 21.43 -5.68
CA ILE B 127 10.72 21.20 -7.11
C ILE B 127 9.42 21.85 -7.62
N TYR B 128 9.51 22.77 -8.58
CA TYR B 128 8.27 23.42 -9.14
C TYR B 128 8.33 23.81 -10.63
N GLY B 143 21.02 11.95 -2.73
CA GLY B 143 21.33 12.81 -1.57
C GLY B 143 20.12 13.27 -0.79
N VAL B 144 19.02 13.48 -1.49
CA VAL B 144 17.80 14.08 -0.93
C VAL B 144 17.03 13.14 0.00
N ASP B 145 16.60 13.64 1.17
CA ASP B 145 15.64 12.90 2.01
C ASP B 145 14.18 13.35 1.80
N ILE B 146 14.01 14.62 1.44
CA ILE B 146 12.68 15.24 1.35
C ILE B 146 12.49 15.98 0.03
N ILE B 147 11.41 15.62 -0.66
CA ILE B 147 11.03 16.36 -1.85
C ILE B 147 9.74 17.10 -1.64
N ILE B 148 9.80 18.39 -1.88
CA ILE B 148 8.62 19.26 -1.86
C ILE B 148 8.37 19.71 -3.28
N ALA B 149 7.22 19.33 -3.83
CA ALA B 149 7.01 19.42 -5.26
C ALA B 149 5.58 19.79 -5.68
N THR B 150 5.48 20.50 -6.80
CA THR B 150 4.19 20.65 -7.46
C THR B 150 3.94 19.40 -8.32
N PRO B 151 2.66 19.11 -8.62
CA PRO B 151 2.42 17.79 -9.21
C PRO B 151 2.82 17.67 -10.71
N GLY B 152 2.63 18.74 -11.49
CA GLY B 152 2.99 18.72 -12.94
C GLY B 152 4.47 18.47 -13.14
N ARG B 153 5.30 19.24 -12.44
CA ARG B 153 6.75 19.10 -12.50
C ARG B 153 7.28 17.73 -12.00
N LEU B 154 6.76 17.25 -10.84
CA LEU B 154 7.20 15.94 -10.32
C LEU B 154 6.85 14.75 -11.23
N ASN B 155 5.69 14.82 -11.86
CA ASN B 155 5.29 13.78 -12.78
C ASN B 155 6.21 13.67 -14.02
N ASP B 156 6.70 14.81 -14.48
CA ASP B 156 7.64 14.89 -15.60
C ASP B 156 8.97 14.24 -15.24
N LEU B 157 9.54 14.65 -14.11
CA LEU B 157 10.77 14.04 -13.60
C LEU B 157 10.70 12.53 -13.45
N GLN B 158 9.62 12.06 -12.83
CA GLN B 158 9.38 10.64 -12.63
C GLN B 158 9.36 9.84 -13.94
N MET B 159 8.72 10.41 -14.96
CA MET B 159 8.58 9.78 -16.26
C MET B 159 9.91 9.70 -16.98
N ASN B 160 10.82 10.65 -16.69
CA ASN B 160 12.21 10.56 -17.18
C ASN B 160 13.12 9.69 -16.31
N ASN B 161 12.57 9.13 -15.23
CA ASN B 161 13.35 8.46 -14.18
C ASN B 161 14.44 9.38 -13.66
N SER B 162 14.16 10.68 -13.63
CA SER B 162 15.04 11.66 -13.00
C SER B 162 15.04 11.57 -11.48
N VAL B 163 13.94 11.08 -10.90
CA VAL B 163 13.75 10.91 -9.46
C VAL B 163 13.19 9.51 -9.15
N ASN B 164 13.67 8.93 -8.05
CA ASN B 164 13.18 7.67 -7.58
C ASN B 164 12.19 7.85 -6.39
N LEU B 165 10.94 7.46 -6.61
CA LEU B 165 9.93 7.58 -5.59
C LEU B 165 9.68 6.26 -4.88
N ARG B 166 10.51 5.25 -5.15
CA ARG B 166 10.27 3.91 -4.67
C ARG B 166 10.70 3.75 -3.26
N SER B 167 11.29 4.79 -2.67
CA SER B 167 11.64 4.81 -1.24
C SER B 167 10.76 5.71 -0.40
N ILE B 168 9.76 6.35 -1.01
CA ILE B 168 8.88 7.24 -0.25
C ILE B 168 8.01 6.40 0.69
N THR B 169 8.20 6.56 2.00
CA THR B 169 7.30 5.94 2.96
C THR B 169 6.47 6.94 3.78
N TYR B 170 6.67 8.25 3.56
CA TYR B 170 5.90 9.24 4.25
C TYR B 170 5.46 10.26 3.21
N LEU B 171 4.15 10.33 2.98
CA LEU B 171 3.55 11.12 1.89
C LEU B 171 2.61 12.20 2.43
N VAL B 172 2.82 13.43 1.97
CA VAL B 172 1.93 14.52 2.31
C VAL B 172 1.29 15.11 1.07
N ILE B 173 -0.04 15.22 1.08
CA ILE B 173 -0.75 15.99 0.07
C ILE B 173 -1.29 17.23 0.78
N ASP B 174 -0.66 18.37 0.54
CA ASP B 174 -0.99 19.64 1.17
C ASP B 174 -1.98 20.43 0.30
N GLU B 175 -3.12 20.82 0.88
CA GLU B 175 -4.16 21.65 0.22
C GLU B 175 -4.90 20.92 -0.96
N ALA B 176 -5.50 19.77 -0.64
CA ALA B 176 -6.17 18.90 -1.59
C ALA B 176 -7.25 19.62 -2.38
N ASP B 177 -7.99 20.51 -1.69
CA ASP B 177 -9.02 21.44 -2.19
C ASP B 177 -8.55 22.17 -3.46
N LYS B 178 -7.45 22.89 -3.33
CA LYS B 178 -6.83 23.64 -4.40
C LYS B 178 -6.20 22.75 -5.49
N MET B 179 -5.63 21.61 -5.09
CA MET B 179 -5.15 20.58 -6.02
C MET B 179 -6.23 20.23 -7.05
N LEU B 180 -7.41 19.90 -6.54
CA LEU B 180 -8.57 19.57 -7.36
C LEU B 180 -9.08 20.75 -8.21
N ASP B 181 -9.18 21.94 -7.59
CA ASP B 181 -9.53 23.16 -8.32
C ASP B 181 -8.57 23.41 -9.51
N MET B 182 -7.29 23.17 -9.28
CA MET B 182 -6.32 23.41 -10.29
C MET B 182 -6.24 22.25 -11.27
N GLU B 183 -7.16 21.30 -11.13
CA GLU B 183 -7.23 20.10 -11.98
C GLU B 183 -5.93 19.29 -12.04
N PHE B 184 -5.40 18.96 -10.86
CA PHE B 184 -4.14 18.23 -10.75
C PHE B 184 -4.37 16.75 -10.49
N GLU B 185 -5.64 16.37 -10.35
CA GLU B 185 -5.97 14.97 -10.06
C GLU B 185 -5.31 13.94 -10.99
N PRO B 186 -5.34 14.16 -12.32
CA PRO B 186 -4.65 13.14 -13.14
C PRO B 186 -3.17 12.96 -12.78
N GLN B 187 -2.47 14.06 -12.55
CA GLN B 187 -1.07 14.02 -12.08
C GLN B 187 -0.97 13.37 -10.70
N ILE B 188 -1.90 13.68 -9.83
CA ILE B 188 -1.87 13.14 -8.49
C ILE B 188 -1.97 11.62 -8.52
N ARG B 189 -2.94 11.12 -9.30
CA ARG B 189 -3.15 9.69 -9.49
C ARG B 189 -1.89 9.00 -9.98
N LYS B 190 -1.20 9.58 -10.97
CA LYS B 190 0.01 8.98 -11.52
C LYS B 190 1.12 8.95 -10.47
N ILE B 191 1.28 10.05 -9.75
CA ILE B 191 2.32 10.11 -8.74
C ILE B 191 2.10 9.08 -7.58
N LEU B 192 0.86 8.98 -7.12
CA LEU B 192 0.55 8.02 -6.06
C LEU B 192 0.69 6.55 -6.54
N LEU B 193 0.70 6.36 -7.85
CA LEU B 193 0.84 5.04 -8.44
C LEU B 193 2.34 4.63 -8.38
N ASP B 194 3.23 5.60 -8.58
CA ASP B 194 4.67 5.38 -8.59
C ASP B 194 5.24 5.27 -7.21
N VAL B 195 4.59 5.88 -6.24
CA VAL B 195 5.04 5.88 -4.85
C VAL B 195 4.89 4.48 -4.26
N ARG B 196 5.78 4.13 -3.32
CA ARG B 196 5.80 2.84 -2.61
C ARG B 196 4.48 2.62 -1.87
N PRO B 197 3.85 1.43 -2.07
CA PRO B 197 2.51 1.09 -1.56
C PRO B 197 2.30 1.17 -0.03
N ASP B 198 3.26 0.69 0.75
CA ASP B 198 3.17 0.72 2.22
C ASP B 198 3.79 2.02 2.75
N ARG B 199 2.92 2.97 3.11
CA ARG B 199 3.34 4.34 3.41
C ARG B 199 2.33 4.95 4.33
N GLN B 200 2.81 5.86 5.17
CA GLN B 200 1.94 6.71 5.92
C GLN B 200 1.58 7.94 5.05
N THR B 201 0.32 8.37 5.09
CA THR B 201 -0.13 9.51 4.33
C THR B 201 -0.86 10.51 5.24
N VAL B 202 -0.49 11.78 5.08
CA VAL B 202 -1.22 12.86 5.69
C VAL B 202 -1.77 13.77 4.59
N MET B 203 -3.00 14.23 4.76
CA MET B 203 -3.63 15.08 3.79
C MET B 203 -4.22 16.30 4.48
N THR B 204 -4.04 17.46 3.87
CA THR B 204 -4.60 18.68 4.43
C THR B 204 -5.53 19.27 3.40
N SER B 205 -6.49 20.06 3.89
CA SER B 205 -7.44 20.78 3.04
C SER B 205 -8.11 21.90 3.82
N ALA B 206 -8.43 22.98 3.11
CA ALA B 206 -9.05 24.16 3.73
C ALA B 206 -10.51 23.84 4.03
N THR B 207 -11.10 23.04 3.14
CA THR B 207 -12.50 22.61 3.23
C THR B 207 -12.60 21.11 2.98
N TRP B 208 -13.78 20.55 3.21
CA TRP B 208 -13.98 19.09 3.11
C TRP B 208 -15.19 18.74 2.21
N PRO B 209 -15.16 19.14 0.93
CA PRO B 209 -16.26 18.76 0.05
C PRO B 209 -16.14 17.30 -0.31
N ASP B 210 -17.09 16.80 -1.10
CA ASP B 210 -17.12 15.39 -1.42
C ASP B 210 -16.01 14.97 -2.37
N THR B 211 -15.61 15.86 -3.27
CA THR B 211 -14.50 15.57 -4.19
C THR B 211 -13.21 15.32 -3.40
N VAL B 212 -13.05 16.01 -2.28
CA VAL B 212 -11.91 15.85 -1.44
C VAL B 212 -12.07 14.61 -0.58
N ARG B 213 -13.28 14.40 -0.04
CA ARG B 213 -13.60 13.14 0.67
C ARG B 213 -13.24 11.94 -0.19
N GLN B 214 -13.64 11.95 -1.46
CA GLN B 214 -13.38 10.81 -2.35
C GLN B 214 -11.87 10.54 -2.59
N LEU B 215 -11.12 11.59 -2.94
CA LEU B 215 -9.66 11.52 -3.03
C LEU B 215 -9.05 10.92 -1.76
N ALA B 216 -9.53 11.37 -0.60
CA ALA B 216 -9.03 10.89 0.70
C ALA B 216 -9.38 9.43 0.97
N LEU B 217 -10.62 9.08 0.66
CA LEU B 217 -11.12 7.74 0.85
C LEU B 217 -10.50 6.66 -0.05
N SER B 218 -9.89 7.05 -1.15
CA SER B 218 -9.25 6.07 -2.02
C SER B 218 -7.72 6.03 -1.91
N TYR B 219 -7.17 6.88 -1.05
CA TYR B 219 -5.73 6.81 -0.82
C TYR B 219 -5.22 6.63 0.63
N LEU B 220 -6.07 6.88 1.64
CA LEU B 220 -5.60 6.85 3.02
C LEU B 220 -6.11 5.57 3.65
N LYS B 221 -5.25 4.88 4.40
CA LYS B 221 -5.71 3.70 5.13
C LYS B 221 -6.19 4.09 6.53
N ASP B 222 -7.40 3.63 6.88
CA ASP B 222 -7.96 3.86 8.23
C ASP B 222 -7.57 5.24 8.81
N PRO B 223 -8.01 6.32 8.13
CA PRO B 223 -7.61 7.66 8.55
C PRO B 223 -8.42 8.22 9.75
N MET B 224 -7.80 9.13 10.49
CA MET B 224 -8.48 10.03 11.40
C MET B 224 -8.61 11.37 10.72
N ILE B 225 -9.46 12.23 11.24
CA ILE B 225 -9.68 13.57 10.68
C ILE B 225 -9.72 14.60 11.81
N VAL B 226 -9.03 15.73 11.61
CA VAL B 226 -9.12 16.86 12.53
C VAL B 226 -9.70 18.08 11.85
N TYR B 227 -10.76 18.67 12.41
CA TYR B 227 -11.31 19.94 11.93
C TYR B 227 -10.91 21.05 12.87
N VAL B 228 -10.52 22.21 12.33
CA VAL B 228 -10.30 23.41 13.18
C VAL B 228 -11.60 23.95 13.84
#